data_5XMG
#
_entry.id   5XMG
#
_cell.length_a   66.390
_cell.length_b   66.390
_cell.length_c   363.830
_cell.angle_alpha   90.00
_cell.angle_beta   90.00
_cell.angle_gamma   120.00
#
_symmetry.space_group_name_H-M   'P 61 2 2'
#
_entity_poly.entity_id   1
_entity_poly.type   'polypeptide(L)'
_entity_poly.pdbx_seq_one_letter_code
;(MSE)KRVL(MSE)GLILLSSSNITWAEAPSSKYQECLGR(MSE)TFEIPEE(MSE)EWATYDASRVWQISKGGGHNFTA
EVTAVGDNGSYDYDS(MSE)IFYVSEKVDKNEFHNASNYIKGTAEIYQDHLRENIKLDKKAISTLQKNKSEEKSIERIKK
GIAE(MSE)EAKIPLAKIYEHDLGIPDSHILGSKNIPFHVLLWRNQRVYYFTFSKPTENSAQRIKDLIARFRTRELYEVP
NEPGICFPYGFIADDGKTAYELKNSLRFTRTPNVIFSLLTASANDPWQTRPTSGLYDSDFRPGYDRQKWKKSALLDSLHI
GKRLAAFEGWRLDPRPDSGERERAWFGLAHTGGTLDPLVAIQVQTFQKGTDDLTDYTPPPEEVLPRLKALSQSIEQRLAR
;
_entity_poly.pdbx_strand_id   A
#
# COMPACT_ATOMS: atom_id res chain seq x y z
N TYR A 26 -19.12 -9.25 -14.27
CA TYR A 26 -18.76 -7.93 -13.76
C TYR A 26 -17.63 -7.97 -12.74
N GLN A 27 -16.41 -8.16 -13.24
CA GLN A 27 -15.26 -8.52 -12.43
C GLN A 27 -14.41 -7.31 -12.09
N GLU A 28 -13.26 -7.62 -11.49
CA GLU A 28 -12.09 -6.78 -11.28
C GLU A 28 -11.01 -7.73 -10.79
N CYS A 29 -9.76 -7.31 -10.86
CA CYS A 29 -8.68 -8.20 -10.46
C CYS A 29 -7.75 -7.49 -9.50
N LEU A 30 -6.91 -8.30 -8.86
CA LEU A 30 -5.83 -7.84 -8.00
C LEU A 30 -4.83 -8.98 -7.92
N GLY A 31 -3.55 -8.65 -7.99
CA GLY A 31 -2.57 -9.72 -8.04
C GLY A 31 -2.81 -10.58 -9.27
N ARG A 32 -2.92 -11.90 -9.06
CA ARG A 32 -3.09 -12.82 -10.19
C ARG A 32 -4.47 -13.45 -10.18
N THR A 34 -9.01 -12.89 -9.77
CA THR A 34 -10.13 -12.03 -10.12
C THR A 34 -11.36 -12.58 -9.43
N PHE A 35 -12.39 -11.73 -9.38
CA PHE A 35 -13.58 -11.96 -8.59
C PHE A 35 -14.66 -11.10 -9.20
N GLU A 36 -15.90 -11.57 -9.10
CA GLU A 36 -17.01 -10.75 -9.55
C GLU A 36 -17.43 -9.83 -8.42
N ILE A 37 -18.21 -8.80 -8.76
CA ILE A 37 -18.62 -7.77 -7.82
C ILE A 37 -20.13 -7.68 -7.85
N PRO A 38 -20.81 -7.82 -6.73
CA PRO A 38 -22.30 -7.78 -6.69
C PRO A 38 -22.94 -6.42 -6.93
N GLU A 39 -22.15 -5.37 -7.18
CA GLU A 39 -22.54 -3.98 -7.48
C GLU A 39 -21.32 -3.06 -7.55
N GLU A 40 -21.58 -1.75 -7.57
CA GLU A 40 -20.52 -0.75 -7.56
C GLU A 40 -19.54 -0.93 -6.40
N GLU A 42 -15.45 0.67 -4.99
CA GLU A 42 -14.47 1.75 -5.08
C GLU A 42 -13.13 1.21 -4.60
N TRP A 43 -12.08 1.39 -5.40
CA TRP A 43 -10.74 1.03 -4.96
C TRP A 43 -10.18 2.12 -4.04
N ALA A 44 -9.38 1.71 -3.07
CA ALA A 44 -8.61 2.69 -2.32
C ALA A 44 -7.39 3.07 -3.16
N THR A 45 -7.20 4.37 -3.35
CA THR A 45 -6.09 4.92 -4.13
C THR A 45 -5.33 5.94 -3.27
N TYR A 46 -4.08 6.20 -3.65
CA TYR A 46 -3.27 7.15 -2.89
C TYR A 46 -3.83 8.57 -2.93
N ASP A 47 -3.81 9.22 -1.77
CA ASP A 47 -4.57 10.45 -1.55
C ASP A 47 -4.15 11.61 -2.45
N ALA A 48 -5.14 12.21 -3.13
CA ALA A 48 -4.89 13.33 -4.06
C ALA A 48 -4.11 14.47 -3.41
N SER A 49 -4.52 14.87 -2.21
CA SER A 49 -3.87 15.92 -1.45
C SER A 49 -2.47 15.56 -0.97
N ARG A 50 -2.04 14.30 -1.09
CA ARG A 50 -0.70 13.91 -0.66
C ARG A 50 0.15 13.37 -1.81
N VAL A 51 -0.37 13.41 -3.04
CA VAL A 51 0.41 12.93 -4.18
C VAL A 51 1.76 13.64 -4.24
N TRP A 52 1.80 14.91 -3.87
CA TRP A 52 3.06 15.62 -3.86
C TRP A 52 4.06 14.97 -2.93
N GLN A 53 3.58 14.24 -1.93
CA GLN A 53 4.49 13.51 -1.07
C GLN A 53 4.22 12.02 -1.12
N ILE A 54 3.95 11.51 -2.32
CA ILE A 54 3.95 10.07 -2.52
C ILE A 54 5.34 9.50 -2.21
N SER A 55 6.38 10.34 -2.29
CA SER A 55 7.74 9.86 -2.04
C SER A 55 7.88 9.30 -0.64
N LYS A 56 7.07 9.80 0.29
CA LYS A 56 7.01 9.32 1.67
C LYS A 56 6.00 8.17 1.84
N GLY A 57 6.03 7.18 0.95
CA GLY A 57 4.87 6.35 0.69
C GLY A 57 4.32 5.47 1.80
N GLY A 58 3.11 5.78 2.29
CA GLY A 58 2.43 4.83 3.13
C GLY A 58 1.50 3.87 2.40
N GLY A 59 0.29 4.33 2.06
CA GLY A 59 -0.64 3.45 1.39
C GLY A 59 -1.88 4.18 0.92
N HIS A 60 -2.62 3.48 0.05
CA HIS A 60 -3.88 4.00 -0.45
C HIS A 60 -4.90 4.13 0.66
N ASN A 61 -5.77 5.12 0.52
CA ASN A 61 -6.90 5.27 1.40
C ASN A 61 -8.16 5.51 0.57
N PHE A 62 -9.25 5.68 1.27
CA PHE A 62 -10.51 6.01 0.67
C PHE A 62 -10.71 7.44 1.03
N THR A 63 -10.48 7.74 2.28
CA THR A 63 -10.56 9.07 2.83
C THR A 63 -9.28 9.17 3.63
N ALA A 64 -9.12 10.21 4.41
CA ALA A 64 -7.89 10.37 5.15
C ALA A 64 -7.87 9.43 6.32
N GLU A 65 -9.04 9.18 6.84
CA GLU A 65 -9.22 8.36 8.04
C GLU A 65 -9.98 7.07 7.79
N VAL A 66 -10.48 6.83 6.57
CA VAL A 66 -11.04 5.54 6.21
C VAL A 66 -9.94 4.81 5.43
N THR A 67 -9.10 4.06 6.16
CA THR A 67 -7.89 3.51 5.55
C THR A 67 -7.54 2.17 6.18
N ALA A 68 -6.92 1.30 5.39
CA ALA A 68 -6.18 0.16 5.91
C ALA A 68 -4.71 0.55 5.96
N VAL A 69 -3.96 -0.12 6.82
CA VAL A 69 -2.54 0.18 6.87
C VAL A 69 -1.86 -0.61 5.77
N GLY A 70 -1.05 0.07 4.98
CA GLY A 70 -0.16 -0.62 4.05
C GLY A 70 -0.76 -1.05 2.73
N ASP A 71 -1.81 -0.37 2.24
CA ASP A 71 -2.38 -0.71 0.93
C ASP A 71 -1.49 -0.19 -0.19
N ASN A 72 -0.58 -1.05 -0.66
CA ASN A 72 0.25 -0.79 -1.83
C ASN A 72 0.56 -2.09 -2.57
N GLY A 73 1.71 -2.16 -3.24
CA GLY A 73 2.08 -3.36 -3.96
C GLY A 73 3.58 -3.58 -3.98
N SER A 74 4.02 -4.83 -3.86
CA SER A 74 5.43 -5.16 -3.96
C SER A 74 5.62 -6.27 -5.00
N TYR A 75 6.75 -6.23 -5.70
CA TYR A 75 6.98 -7.09 -6.83
C TYR A 75 8.45 -7.44 -6.86
N ASP A 76 8.76 -8.70 -7.16
CA ASP A 76 10.14 -9.18 -7.03
C ASP A 76 10.94 -8.86 -8.30
N TYR A 77 10.95 -7.57 -8.65
CA TYR A 77 11.90 -7.08 -9.62
C TYR A 77 13.15 -6.67 -8.86
N ASP A 78 13.46 -5.39 -8.75
CA ASP A 78 14.59 -5.00 -7.91
C ASP A 78 14.07 -4.49 -6.56
N SER A 79 13.33 -5.34 -5.88
CA SER A 79 12.58 -4.96 -4.68
C SER A 79 11.75 -3.70 -4.96
N ILE A 81 8.38 -1.40 -4.81
CA ILE A 81 7.14 -1.02 -4.16
C ILE A 81 6.44 -0.02 -5.08
N PHE A 82 5.12 -0.10 -5.19
CA PHE A 82 4.49 0.75 -6.18
C PHE A 82 3.07 1.11 -5.76
N TYR A 83 2.64 2.30 -6.16
CA TYR A 83 1.36 2.86 -5.77
C TYR A 83 0.71 3.55 -6.97
N VAL A 84 -0.56 3.89 -6.80
CA VAL A 84 -1.34 4.52 -7.84
C VAL A 84 -2.27 5.51 -7.16
N SER A 85 -2.32 6.74 -7.68
CA SER A 85 -3.11 7.79 -7.06
C SER A 85 -4.53 7.86 -7.63
N GLU A 86 -5.37 8.61 -6.93
CA GLU A 86 -6.63 9.02 -7.52
C GLU A 86 -6.38 10.13 -8.54
N LYS A 87 -7.42 10.48 -9.28
CA LYS A 87 -7.28 11.50 -10.32
C LYS A 87 -6.87 12.84 -9.71
N VAL A 88 -5.79 13.41 -10.24
CA VAL A 88 -5.27 14.68 -9.81
C VAL A 88 -4.96 15.52 -11.04
N ASP A 89 -4.58 16.76 -10.79
CA ASP A 89 -4.08 17.63 -11.84
C ASP A 89 -2.62 17.26 -12.16
N LYS A 90 -2.19 17.55 -13.40
CA LYS A 90 -0.84 17.18 -13.80
C LYS A 90 0.19 17.91 -12.96
N ASN A 91 -0.24 18.92 -12.23
CA ASN A 91 0.70 19.65 -11.40
C ASN A 91 1.23 18.79 -10.26
N GLU A 92 0.41 17.89 -9.72
CA GLU A 92 0.89 17.04 -8.63
C GLU A 92 1.99 16.10 -9.12
N PHE A 93 1.88 15.66 -10.38
CA PHE A 93 2.94 14.86 -11.00
C PHE A 93 4.28 15.55 -10.89
N HIS A 94 4.33 16.86 -11.19
CA HIS A 94 5.58 17.59 -11.08
C HIS A 94 5.97 17.82 -9.62
N ASN A 95 4.99 18.07 -8.74
CA ASN A 95 5.28 18.27 -7.32
C ASN A 95 5.94 17.05 -6.71
N ALA A 96 5.36 15.87 -6.97
CA ALA A 96 5.97 14.61 -6.57
C ALA A 96 7.45 14.60 -6.90
N SER A 97 7.76 14.81 -8.17
CA SER A 97 9.14 14.83 -8.62
C SER A 97 9.94 15.90 -7.87
N ASN A 98 9.32 17.04 -7.61
CA ASN A 98 10.06 18.10 -6.94
C ASN A 98 10.21 17.85 -5.45
N TYR A 99 9.26 17.16 -4.82
CA TYR A 99 9.46 16.76 -3.43
C TYR A 99 10.64 15.82 -3.31
N ILE A 100 10.74 14.83 -4.20
CA ILE A 100 11.86 13.91 -4.16
C ILE A 100 13.17 14.69 -4.21
N LYS A 101 13.30 15.57 -5.21
CA LYS A 101 14.51 16.38 -5.35
C LYS A 101 14.71 17.27 -4.14
N GLY A 102 13.63 17.84 -3.60
CA GLY A 102 13.75 18.72 -2.46
C GLY A 102 14.25 18.00 -1.22
N THR A 103 13.61 16.88 -0.86
CA THR A 103 14.03 16.25 0.38
C THR A 103 15.44 15.71 0.27
N ALA A 104 15.87 15.39 -0.96
CA ALA A 104 17.22 14.87 -1.18
C ALA A 104 18.30 15.92 -0.94
N GLU A 105 18.01 17.20 -1.12
CA GLU A 105 19.07 18.13 -0.77
C GLU A 105 18.91 18.65 0.64
N ILE A 106 17.70 18.61 1.20
CA ILE A 106 17.57 18.77 2.63
C ILE A 106 18.44 17.77 3.36
N TYR A 107 18.42 16.52 2.89
CA TYR A 107 19.28 15.50 3.47
C TYR A 107 20.73 15.99 3.44
N GLN A 108 21.30 16.16 2.24
CA GLN A 108 22.67 16.66 2.11
C GLN A 108 23.00 17.77 3.12
N ASP A 109 22.14 18.78 3.20
CA ASP A 109 22.37 19.84 4.17
C ASP A 109 22.46 19.25 5.57
N HIS A 110 21.51 18.39 5.91
CA HIS A 110 21.55 17.71 7.21
C HIS A 110 22.84 16.93 7.39
N LEU A 111 23.30 16.19 6.38
CA LEU A 111 24.61 15.55 6.53
C LEU A 111 25.72 16.56 6.71
N ARG A 112 25.71 17.60 5.87
CA ARG A 112 26.78 18.58 5.94
C ARG A 112 26.89 19.18 7.35
N GLU A 113 25.76 19.44 8.01
CA GLU A 113 25.91 20.02 9.33
C GLU A 113 26.24 18.96 10.37
N ASN A 114 25.74 17.75 10.19
CA ASN A 114 26.12 16.68 11.10
C ASN A 114 27.62 16.40 11.00
N ILE A 115 28.19 16.58 9.82
CA ILE A 115 29.64 16.38 9.68
C ILE A 115 30.39 17.36 10.56
N LYS A 116 29.90 18.60 10.63
CA LYS A 116 30.53 19.62 11.45
C LYS A 116 30.31 19.37 12.94
N LEU A 117 29.09 18.98 13.33
CA LEU A 117 28.79 18.78 14.74
C LEU A 117 29.68 17.73 15.38
N ASP A 118 30.10 16.72 14.61
CA ASP A 118 31.05 15.71 15.09
C ASP A 118 32.47 16.18 15.04
N LYS A 119 32.83 16.91 13.97
CA LYS A 119 34.13 17.56 13.95
C LYS A 119 34.31 18.44 15.18
N LYS A 120 33.27 19.16 15.60
CA LYS A 120 33.37 19.88 16.86
C LYS A 120 33.48 18.88 18.03
N ALA A 121 32.83 17.74 17.97
CA ALA A 121 32.96 16.78 19.06
C ALA A 121 34.38 16.23 19.20
N ILE A 122 35.01 15.95 18.08
CA ILE A 122 36.35 15.41 18.11
C ILE A 122 37.31 16.35 18.79
N SER A 123 37.24 17.64 18.50
CA SER A 123 38.14 18.58 19.11
C SER A 123 37.91 18.68 20.61
N THR A 124 36.66 18.65 21.04
CA THR A 124 36.35 18.71 22.44
C THR A 124 36.99 17.52 23.07
N LEU A 125 36.99 16.41 22.37
CA LEU A 125 37.66 15.22 22.87
C LEU A 125 39.20 15.23 22.94
N GLN A 126 39.90 15.79 21.95
CA GLN A 126 41.35 15.80 21.88
C GLN A 126 41.95 16.71 22.95
N LYS A 127 41.15 17.63 23.51
CA LYS A 127 41.55 18.36 24.70
C LYS A 127 42.08 17.41 25.78
N ASN A 128 41.30 16.36 26.09
CA ASN A 128 41.64 15.39 27.11
C ASN A 128 42.76 14.42 26.66
N LYS A 133 40.99 6.82 19.57
CA LYS A 133 40.41 5.49 19.39
C LYS A 133 38.88 5.54 19.33
N SER A 134 38.27 6.27 20.26
CA SER A 134 36.88 6.68 20.11
C SER A 134 36.75 7.78 19.07
N ILE A 135 37.63 8.78 19.15
CA ILE A 135 37.62 9.82 18.12
C ILE A 135 37.76 9.14 16.76
N GLU A 136 38.60 8.10 16.69
CA GLU A 136 38.66 7.28 15.51
C GLU A 136 37.25 6.91 15.10
N ARG A 137 36.53 6.15 15.92
CA ARG A 137 35.19 5.71 15.51
C ARG A 137 34.35 6.86 14.93
N ILE A 138 34.57 8.11 15.37
CA ILE A 138 33.75 9.20 14.84
C ILE A 138 34.19 9.64 13.44
N LYS A 139 35.51 9.63 13.19
CA LYS A 139 36.06 10.09 11.93
C LYS A 139 35.62 9.25 10.76
N LYS A 140 35.21 8.00 11.00
CA LYS A 140 34.68 7.20 9.90
C LYS A 140 33.25 7.62 9.58
N GLY A 141 32.41 7.66 10.61
CA GLY A 141 31.07 8.20 10.43
C GLY A 141 31.10 9.47 9.62
N ILE A 142 32.12 10.30 9.85
CA ILE A 142 32.33 11.48 9.04
C ILE A 142 32.67 11.09 7.60
N ALA A 143 33.75 10.31 7.43
CA ALA A 143 34.12 9.90 6.09
C ALA A 143 32.99 9.18 5.37
N GLU A 144 32.12 8.49 6.08
CA GLU A 144 31.11 7.70 5.39
C GLU A 144 29.86 8.51 5.07
N GLU A 146 30.40 11.69 4.46
CA GLU A 146 30.99 12.54 3.44
C GLU A 146 30.95 11.88 2.07
N ALA A 147 31.00 10.55 2.02
CA ALA A 147 30.82 9.85 0.75
C ALA A 147 29.35 9.75 0.37
N LYS A 148 28.45 9.83 1.36
CA LYS A 148 27.02 9.78 1.10
C LYS A 148 26.54 11.00 0.33
N ILE A 149 27.26 12.12 0.46
CA ILE A 149 26.84 13.43 -0.01
C ILE A 149 26.66 13.45 -1.53
N PRO A 150 27.66 13.09 -2.33
CA PRO A 150 27.44 13.14 -3.79
C PRO A 150 26.39 12.15 -4.26
N LEU A 151 26.15 11.05 -3.52
CA LEU A 151 25.09 10.12 -3.87
C LEU A 151 23.73 10.54 -3.34
N ALA A 152 23.67 11.44 -2.38
CA ALA A 152 22.36 11.91 -1.96
C ALA A 152 21.73 12.88 -2.96
N LYS A 153 22.52 13.38 -3.92
CA LYS A 153 21.95 14.27 -4.92
C LYS A 153 21.16 13.48 -5.94
N ILE A 154 19.94 13.95 -6.23
CA ILE A 154 19.06 13.36 -7.23
C ILE A 154 19.31 13.99 -8.61
N TYR A 155 19.30 13.17 -9.65
CA TYR A 155 19.30 13.66 -11.02
C TYR A 155 18.24 12.95 -11.84
N GLU A 156 17.80 13.62 -12.90
CA GLU A 156 16.81 13.06 -13.80
C GLU A 156 17.46 12.21 -14.88
N HIS A 157 16.97 11.00 -15.06
CA HIS A 157 17.49 10.10 -16.11
C HIS A 157 16.47 10.05 -17.23
N ASP A 158 16.95 10.24 -18.46
CA ASP A 158 16.13 10.13 -19.65
C ASP A 158 16.31 8.71 -20.16
N LEU A 159 15.30 7.87 -19.97
CA LEU A 159 15.27 6.54 -20.58
C LEU A 159 14.23 6.48 -21.69
N GLY A 160 13.93 7.62 -22.30
CA GLY A 160 13.04 7.64 -23.44
C GLY A 160 11.67 7.12 -23.10
N ILE A 161 11.13 7.56 -21.97
CA ILE A 161 9.80 7.16 -21.51
C ILE A 161 8.92 8.40 -21.51
N PRO A 162 7.78 8.37 -22.17
CA PRO A 162 6.93 9.56 -22.22
C PRO A 162 6.20 9.83 -20.92
N ASP A 163 6.01 11.11 -20.63
CA ASP A 163 5.33 11.59 -19.44
C ASP A 163 5.86 10.86 -18.20
N SER A 164 7.08 11.20 -17.83
CA SER A 164 7.75 10.50 -16.74
C SER A 164 8.72 11.42 -16.01
N HIS A 165 9.07 11.02 -14.80
CA HIS A 165 10.18 11.58 -14.03
C HIS A 165 10.94 10.39 -13.47
N ILE A 166 12.09 10.08 -14.07
CA ILE A 166 12.93 8.99 -13.63
C ILE A 166 14.10 9.61 -12.89
N LEU A 167 14.11 9.47 -11.56
CA LEU A 167 15.10 10.12 -10.70
C LEU A 167 16.02 9.07 -10.11
N GLY A 168 17.11 9.51 -9.51
CA GLY A 168 18.10 8.57 -8.99
C GLY A 168 19.40 9.28 -8.67
N SER A 169 20.43 8.50 -8.33
CA SER A 169 21.77 9.06 -8.15
C SER A 169 22.32 9.47 -9.52
N LYS A 170 23.60 9.84 -9.58
CA LYS A 170 24.15 10.17 -10.89
C LYS A 170 24.34 8.92 -11.75
N ASN A 171 24.63 7.77 -11.15
CA ASN A 171 24.84 6.56 -11.95
C ASN A 171 23.59 5.70 -12.09
N ILE A 172 22.65 5.80 -11.17
CA ILE A 172 21.66 4.73 -10.98
C ILE A 172 20.27 5.33 -10.81
N PRO A 173 19.30 4.98 -11.65
CA PRO A 173 17.91 5.39 -11.39
C PRO A 173 17.11 4.41 -10.52
N PHE A 174 16.28 5.00 -9.67
CA PHE A 174 15.23 4.38 -8.83
C PHE A 174 14.28 5.53 -8.55
N HIS A 175 13.01 5.24 -8.35
CA HIS A 175 11.95 6.26 -8.43
C HIS A 175 11.51 6.44 -9.88
N VAL A 176 10.27 6.07 -10.18
CA VAL A 176 9.66 6.34 -11.47
C VAL A 176 8.28 6.91 -11.20
N LEU A 177 8.04 8.13 -11.66
CA LEU A 177 6.72 8.72 -11.62
C LEU A 177 6.16 8.71 -13.03
N LEU A 178 4.97 8.13 -13.21
CA LEU A 178 4.30 8.08 -14.51
C LEU A 178 3.00 8.86 -14.44
N TRP A 179 2.82 9.77 -15.39
CA TRP A 179 1.57 10.50 -15.57
C TRP A 179 0.79 9.77 -16.67
N ARG A 180 -0.31 9.11 -16.28
CA ARG A 180 -1.14 8.32 -17.20
C ARG A 180 -2.61 8.42 -16.79
N ASN A 181 -3.47 8.84 -17.73
CA ASN A 181 -4.89 9.04 -17.45
C ASN A 181 -5.19 9.73 -16.12
N GLN A 182 -4.79 10.98 -15.94
CA GLN A 182 -5.13 11.78 -14.77
C GLN A 182 -4.63 11.18 -13.43
N ARG A 183 -3.75 10.19 -13.46
CA ARG A 183 -3.26 9.55 -12.25
C ARG A 183 -1.74 9.48 -12.25
N VAL A 184 -1.18 9.60 -11.08
CA VAL A 184 0.23 9.32 -10.94
C VAL A 184 0.37 7.86 -10.58
N TYR A 185 1.39 7.21 -11.15
CA TYR A 185 1.81 5.89 -10.76
C TYR A 185 3.27 6.00 -10.33
N TYR A 186 3.57 5.58 -9.11
CA TYR A 186 4.89 5.72 -8.52
C TYR A 186 5.46 4.34 -8.25
N PHE A 187 6.54 4.02 -8.93
CA PHE A 187 7.32 2.80 -8.69
C PHE A 187 8.67 3.21 -8.12
N THR A 188 9.08 2.55 -7.08
CA THR A 188 10.35 2.87 -6.46
C THR A 188 11.08 1.57 -6.19
N PHE A 189 12.38 1.52 -6.49
CA PHE A 189 13.16 0.30 -6.45
C PHE A 189 14.10 0.31 -5.25
N SER A 190 13.98 -0.70 -4.41
CA SER A 190 14.72 -0.73 -3.16
C SER A 190 16.10 -1.36 -3.32
N LYS A 191 16.25 -2.35 -4.20
CA LYS A 191 17.54 -2.99 -4.45
C LYS A 191 17.92 -2.83 -5.91
N PRO A 192 18.28 -1.61 -6.34
CA PRO A 192 18.64 -1.37 -7.74
C PRO A 192 20.00 -1.94 -8.07
N THR A 193 20.34 -1.92 -9.35
CA THR A 193 21.58 -2.51 -9.81
C THR A 193 22.35 -1.54 -10.70
N GLU A 194 23.59 -1.93 -11.01
CA GLU A 194 24.37 -1.21 -12.01
C GLU A 194 23.68 -1.20 -13.35
N ASN A 195 22.77 -2.15 -13.60
CA ASN A 195 22.01 -2.21 -14.83
C ASN A 195 20.59 -1.67 -14.66
N SER A 196 20.41 -0.72 -13.74
CA SER A 196 19.07 -0.30 -13.37
C SER A 196 18.36 0.41 -14.52
N ALA A 197 19.10 1.25 -15.24
CA ALA A 197 18.50 2.03 -16.30
C ALA A 197 17.75 1.11 -17.26
N GLN A 198 18.40 0.02 -17.65
CA GLN A 198 17.77 -0.84 -18.63
C GLN A 198 16.64 -1.64 -18.00
N ARG A 199 16.82 -2.09 -16.75
CA ARG A 199 15.77 -2.82 -16.06
C ARG A 199 14.51 -1.98 -15.86
N ILE A 200 14.66 -0.68 -15.59
CA ILE A 200 13.47 0.13 -15.43
C ILE A 200 12.76 0.32 -16.76
N LYS A 201 13.51 0.48 -17.85
CA LYS A 201 12.84 0.68 -19.13
C LYS A 201 12.16 -0.61 -19.61
N ASP A 202 12.72 -1.77 -19.29
CA ASP A 202 12.08 -3.02 -19.69
C ASP A 202 10.76 -3.25 -18.96
N LEU A 203 10.73 -3.02 -17.65
CA LEU A 203 9.51 -3.27 -16.88
C LEU A 203 8.37 -2.32 -17.25
N ILE A 204 8.66 -1.01 -17.34
CA ILE A 204 7.64 -0.03 -17.72
C ILE A 204 7.01 -0.37 -19.06
N ALA A 205 7.79 -0.98 -19.95
CA ALA A 205 7.28 -1.37 -21.25
C ALA A 205 6.09 -2.32 -21.13
N ARG A 206 6.05 -3.14 -20.09
CA ARG A 206 4.95 -4.05 -19.86
C ARG A 206 3.86 -3.44 -18.97
N PHE A 207 4.10 -2.28 -18.39
CA PHE A 207 3.06 -1.58 -17.67
C PHE A 207 2.03 -1.00 -18.64
N ARG A 208 0.82 -0.80 -18.14
CA ARG A 208 -0.29 -0.43 -18.99
C ARG A 208 -1.41 0.05 -18.08
N THR A 209 -2.05 1.16 -18.44
CA THR A 209 -3.17 1.50 -17.58
C THR A 209 -4.35 0.59 -17.88
N ARG A 210 -5.29 0.59 -16.95
CA ARG A 210 -6.43 -0.29 -16.94
C ARG A 210 -7.56 0.53 -16.38
N GLU A 211 -8.79 0.18 -16.72
CA GLU A 211 -9.87 0.86 -16.05
C GLU A 211 -10.72 -0.14 -15.29
N LEU A 212 -11.36 0.36 -14.24
CA LEU A 212 -12.28 -0.38 -13.38
C LEU A 212 -13.14 -1.34 -14.20
N TYR A 213 -13.10 -2.61 -13.82
CA TYR A 213 -13.81 -3.75 -14.38
C TYR A 213 -13.15 -4.28 -15.67
N GLU A 214 -12.01 -3.75 -16.11
CA GLU A 214 -11.32 -4.28 -17.28
C GLU A 214 -10.40 -5.42 -16.85
N VAL A 215 -10.67 -6.62 -17.34
CA VAL A 215 -9.95 -7.78 -16.85
C VAL A 215 -9.00 -8.25 -17.96
N PRO A 216 -7.69 -8.09 -17.79
CA PRO A 216 -6.73 -8.56 -18.79
C PRO A 216 -6.91 -10.03 -19.12
N ASN A 217 -6.36 -10.42 -20.26
CA ASN A 217 -6.48 -11.80 -20.70
C ASN A 217 -5.08 -12.35 -20.96
N GLU A 218 -4.22 -12.29 -19.95
CA GLU A 218 -2.78 -12.42 -20.19
C GLU A 218 -2.09 -12.57 -18.85
N PRO A 219 -1.01 -13.35 -18.78
CA PRO A 219 -0.25 -13.42 -17.53
C PRO A 219 0.21 -12.04 -17.08
N GLY A 220 -0.02 -11.74 -15.81
CA GLY A 220 0.30 -10.43 -15.28
C GLY A 220 -0.26 -10.29 -13.88
N ILE A 221 -0.01 -9.11 -13.31
CA ILE A 221 -0.54 -8.79 -12.00
C ILE A 221 -1.27 -7.47 -12.12
N CYS A 222 -2.46 -7.37 -11.57
CA CYS A 222 -3.21 -6.13 -11.57
C CYS A 222 -3.06 -5.41 -10.24
N PHE A 223 -3.21 -4.11 -10.31
CA PHE A 223 -3.51 -3.35 -9.11
C PHE A 223 -4.64 -2.41 -9.52
N PRO A 224 -5.06 -1.45 -8.69
CA PRO A 224 -6.17 -0.58 -9.15
C PRO A 224 -5.72 0.26 -10.33
N TYR A 225 -6.46 0.15 -11.44
CA TYR A 225 -6.26 0.95 -12.63
C TYR A 225 -4.91 0.70 -13.27
N GLY A 226 -4.25 -0.37 -12.84
CA GLY A 226 -2.92 -0.68 -13.34
C GLY A 226 -2.85 -2.12 -13.80
N PHE A 227 -1.73 -2.46 -14.41
CA PHE A 227 -1.46 -3.84 -14.83
C PHE A 227 -0.03 -3.92 -15.30
N ILE A 228 0.61 -5.05 -15.06
CA ILE A 228 2.01 -5.26 -15.37
C ILE A 228 2.10 -6.65 -15.99
N ALA A 229 2.20 -6.72 -17.32
CA ALA A 229 2.27 -8.02 -17.95
C ALA A 229 3.60 -8.67 -17.63
N ASP A 230 3.56 -9.98 -17.60
CA ASP A 230 4.72 -10.77 -17.30
C ASP A 230 4.54 -12.22 -17.63
N ASP A 231 5.57 -12.98 -17.30
CA ASP A 231 5.69 -14.41 -17.47
C ASP A 231 4.71 -15.18 -16.64
N GLY A 232 4.39 -14.70 -15.45
CA GLY A 232 3.49 -15.43 -14.58
C GLY A 232 4.21 -16.22 -13.52
N LYS A 233 5.50 -15.96 -13.48
CA LYS A 233 6.47 -16.55 -12.58
C LYS A 233 7.13 -15.62 -11.58
N THR A 234 6.86 -14.33 -11.61
CA THR A 234 7.60 -13.47 -10.70
C THR A 234 6.83 -13.34 -9.39
N ALA A 235 7.57 -13.22 -8.30
CA ALA A 235 6.92 -13.18 -7.01
C ALA A 235 6.32 -11.80 -6.74
N TYR A 236 5.27 -11.78 -5.95
CA TYR A 236 4.54 -10.54 -5.75
C TYR A 236 3.82 -10.60 -4.42
N GLU A 237 3.41 -9.41 -3.95
CA GLU A 237 2.52 -9.25 -2.80
C GLU A 237 1.69 -7.99 -3.02
N LEU A 238 0.38 -8.13 -2.93
CA LEU A 238 -0.52 -7.01 -3.14
C LEU A 238 -1.56 -6.92 -2.03
N LYS A 239 -2.02 -5.71 -1.79
CA LYS A 239 -3.04 -5.44 -0.79
C LYS A 239 -3.73 -4.13 -1.14
N ASN A 240 -5.06 -4.17 -1.24
CA ASN A 240 -5.80 -2.95 -1.52
C ASN A 240 -7.24 -3.13 -1.05
N SER A 241 -7.83 -2.07 -0.53
CA SER A 241 -9.15 -2.18 0.05
C SER A 241 -10.23 -1.84 -0.98
N LEU A 242 -11.43 -2.40 -0.75
CA LEU A 242 -12.63 -2.16 -1.54
C LEU A 242 -13.72 -1.64 -0.65
N ARG A 243 -14.71 -1.04 -1.31
CA ARG A 243 -15.84 -0.47 -0.61
C ARG A 243 -17.07 -0.63 -1.49
N PHE A 244 -18.11 -1.19 -0.94
CA PHE A 244 -19.38 -1.12 -1.64
C PHE A 244 -19.91 0.31 -1.57
N THR A 245 -20.10 0.94 -2.74
CA THR A 245 -20.36 2.38 -2.75
C THR A 245 -21.56 2.74 -1.90
N ARG A 246 -22.58 1.89 -1.83
CA ARG A 246 -23.75 2.26 -1.04
C ARG A 246 -23.54 1.99 0.45
N THR A 247 -22.50 1.21 0.82
CA THR A 247 -22.16 1.00 2.23
C THR A 247 -20.70 1.45 2.41
N PRO A 248 -20.50 2.75 2.58
CA PRO A 248 -19.14 3.29 2.75
C PRO A 248 -18.48 2.93 4.09
N ASN A 249 -19.23 2.58 5.14
CA ASN A 249 -18.62 2.41 6.45
C ASN A 249 -17.86 1.11 6.63
N VAL A 250 -18.03 0.15 5.72
CA VAL A 250 -17.34 -1.14 5.75
C VAL A 250 -16.36 -1.16 4.58
N ILE A 251 -15.14 -1.65 4.83
CA ILE A 251 -14.16 -1.81 3.77
C ILE A 251 -13.55 -3.20 3.85
N PHE A 252 -13.14 -3.71 2.69
CA PHE A 252 -12.61 -5.07 2.57
C PHE A 252 -11.19 -4.95 2.05
N SER A 253 -10.22 -5.12 2.92
CA SER A 253 -8.84 -5.10 2.48
C SER A 253 -8.53 -6.47 1.91
N LEU A 254 -8.19 -6.53 0.63
CA LEU A 254 -7.89 -7.79 -0.05
C LEU A 254 -6.39 -7.91 -0.19
N LEU A 255 -5.89 -9.11 0.07
CA LEU A 255 -4.47 -9.32 0.25
C LEU A 255 -4.10 -10.60 -0.48
N THR A 256 -3.08 -10.53 -1.33
CA THR A 256 -2.68 -11.69 -2.10
C THR A 256 -1.20 -11.65 -2.39
N ALA A 257 -0.56 -12.82 -2.37
CA ALA A 257 0.88 -12.94 -2.52
C ALA A 257 1.20 -14.32 -3.07
N SER A 258 2.20 -14.39 -3.93
CA SER A 258 2.56 -15.67 -4.51
C SER A 258 3.00 -16.64 -3.41
N ALA A 259 3.05 -17.93 -3.75
CA ALA A 259 3.28 -18.98 -2.75
C ALA A 259 4.66 -18.86 -2.13
N ASN A 260 4.71 -18.92 -0.81
CA ASN A 260 5.95 -18.71 -0.05
C ASN A 260 6.72 -17.49 -0.56
N ASP A 261 6.07 -16.33 -0.47
CA ASP A 261 6.65 -15.09 -0.93
C ASP A 261 7.90 -14.73 -0.13
N PRO A 262 8.78 -13.91 -0.68
CA PRO A 262 9.99 -13.50 0.07
C PRO A 262 9.74 -12.49 1.19
N TRP A 263 8.63 -11.75 1.19
CA TRP A 263 8.33 -10.81 2.26
C TRP A 263 7.62 -11.47 3.43
N GLN A 264 7.34 -12.78 3.32
CA GLN A 264 6.68 -13.58 4.36
C GLN A 264 5.41 -12.91 4.83
N THR A 265 4.57 -12.52 3.90
CA THR A 265 3.43 -11.70 4.30
C THR A 265 2.36 -12.60 4.92
N ARG A 266 2.02 -12.35 6.18
CA ARG A 266 1.06 -13.22 6.83
C ARG A 266 -0.35 -12.70 6.62
N PRO A 267 -1.36 -13.57 6.81
CA PRO A 267 -2.76 -13.15 6.60
C PRO A 267 -3.18 -11.90 7.35
N THR A 268 -2.54 -11.58 8.46
CA THR A 268 -2.85 -10.37 9.23
C THR A 268 -1.90 -9.23 8.89
N SER A 269 -1.41 -9.19 7.65
CA SER A 269 -0.16 -8.47 7.36
C SER A 269 -0.21 -7.02 7.83
N GLY A 270 -1.23 -6.28 7.44
CA GLY A 270 -1.24 -4.89 7.87
C GLY A 270 -2.16 -4.60 9.04
N LEU A 271 -2.41 -5.57 9.90
CA LEU A 271 -3.50 -5.40 10.84
C LEU A 271 -3.05 -4.81 12.17
N TYR A 272 -2.11 -5.32 12.92
CA TYR A 272 -1.78 -4.58 14.15
C TYR A 272 -2.47 -4.51 15.54
N ASP A 273 -3.55 -5.21 15.85
CA ASP A 273 -4.14 -5.14 17.22
C ASP A 273 -5.09 -4.06 17.72
N SER A 274 -5.58 -3.15 16.90
CA SER A 274 -6.55 -2.17 17.38
C SER A 274 -7.78 -2.61 16.70
N ASP A 275 -7.54 -3.45 15.72
CA ASP A 275 -8.49 -4.21 14.95
C ASP A 275 -8.87 -5.49 15.67
N PHE A 276 -7.92 -6.08 16.41
CA PHE A 276 -8.24 -7.29 17.16
C PHE A 276 -8.97 -6.98 18.45
N ARG A 277 -8.56 -5.96 19.21
CA ARG A 277 -9.27 -5.58 20.42
C ARG A 277 -9.57 -4.09 20.38
N PRO A 278 -10.76 -3.72 20.01
CA PRO A 278 -11.13 -2.34 19.88
C PRO A 278 -11.20 -1.72 21.23
N GLY A 279 -11.37 -0.42 21.27
CA GLY A 279 -11.49 0.28 22.51
C GLY A 279 -12.93 0.66 22.50
N TYR A 280 -13.62 0.31 23.56
CA TYR A 280 -15.03 0.62 23.64
C TYR A 280 -15.25 0.65 25.10
N ASP A 281 -16.32 1.27 25.56
CA ASP A 281 -16.58 1.28 26.97
C ASP A 281 -17.48 0.12 27.13
N ARG A 282 -17.06 -0.82 27.96
CA ARG A 282 -17.84 -2.03 28.12
C ARG A 282 -19.24 -1.76 28.68
N GLN A 283 -19.51 -0.57 29.24
CA GLN A 283 -20.81 -0.41 29.87
C GLN A 283 -21.93 -0.07 28.87
N LYS A 284 -21.64 0.62 27.77
CA LYS A 284 -22.72 0.92 26.82
C LYS A 284 -22.70 0.09 25.54
N TRP A 285 -21.59 -0.60 25.25
CA TRP A 285 -21.48 -1.47 24.07
C TRP A 285 -20.98 -2.83 24.51
N LYS A 286 -21.61 -3.89 24.01
CA LYS A 286 -21.20 -5.26 24.29
C LYS A 286 -20.35 -5.80 23.16
N LYS A 287 -19.23 -6.43 23.50
CA LYS A 287 -18.30 -6.96 22.51
C LYS A 287 -18.42 -8.48 22.44
N SER A 288 -19.19 -8.96 21.48
CA SER A 288 -19.42 -10.38 21.24
C SER A 288 -18.59 -10.89 20.08
N ALA A 289 -17.96 -12.05 20.25
CA ALA A 289 -17.19 -12.67 19.17
C ALA A 289 -18.07 -12.89 17.95
N LEU A 290 -17.45 -12.83 16.77
CA LEU A 290 -18.17 -12.93 15.51
C LEU A 290 -17.54 -14.03 14.68
N LEU A 291 -18.27 -15.13 14.52
CA LEU A 291 -17.76 -16.39 13.99
C LEU A 291 -18.60 -16.82 12.81
N ASP A 292 -17.96 -17.03 11.66
CA ASP A 292 -18.70 -17.46 10.49
C ASP A 292 -17.76 -18.26 9.59
N SER A 293 -18.29 -18.69 8.44
CA SER A 293 -17.56 -19.50 7.50
C SER A 293 -17.78 -18.96 6.09
N LEU A 294 -16.95 -19.41 5.16
CA LEU A 294 -16.85 -18.63 3.93
C LEU A 294 -16.04 -19.41 2.93
N HIS A 295 -16.31 -19.16 1.65
CA HIS A 295 -15.62 -19.79 0.54
C HIS A 295 -14.81 -18.76 -0.26
N ILE A 296 -13.55 -19.10 -0.57
CA ILE A 296 -12.80 -18.26 -1.51
C ILE A 296 -12.87 -18.81 -2.94
N GLY A 297 -12.13 -19.83 -3.26
CA GLY A 297 -12.40 -20.40 -4.56
C GLY A 297 -13.47 -21.42 -4.33
N LYS A 298 -13.08 -22.66 -4.40
CA LYS A 298 -13.92 -23.57 -3.67
C LYS A 298 -13.40 -23.83 -2.24
N ARG A 299 -12.11 -23.62 -1.98
CA ARG A 299 -11.63 -23.78 -0.61
C ARG A 299 -12.48 -22.96 0.36
N LEU A 300 -12.75 -23.57 1.52
CA LEU A 300 -13.55 -22.96 2.57
C LEU A 300 -12.62 -22.53 3.69
N ALA A 301 -12.86 -21.34 4.21
CA ALA A 301 -12.06 -20.82 5.28
C ALA A 301 -12.91 -20.15 6.30
N ALA A 302 -12.42 -20.14 7.51
CA ALA A 302 -13.14 -19.50 8.58
C ALA A 302 -12.94 -18.04 8.54
N PHE A 303 -13.98 -17.31 8.90
CA PHE A 303 -13.89 -15.91 8.97
C PHE A 303 -14.06 -15.70 10.43
N GLU A 304 -13.08 -15.16 11.15
CA GLU A 304 -13.38 -15.00 12.57
C GLU A 304 -12.87 -13.64 13.03
N GLY A 305 -13.68 -12.91 13.76
CA GLY A 305 -13.29 -11.62 14.27
C GLY A 305 -14.13 -11.26 15.47
N TRP A 306 -14.39 -9.97 15.64
CA TRP A 306 -15.22 -9.49 16.74
C TRP A 306 -16.32 -8.60 16.21
N ARG A 307 -17.14 -8.11 17.12
CA ARG A 307 -18.38 -7.45 16.78
C ARG A 307 -18.78 -6.55 17.96
N LEU A 308 -19.26 -5.32 17.66
CA LEU A 308 -19.70 -4.37 18.68
C LEU A 308 -21.10 -3.87 18.38
N ASP A 309 -21.99 -3.94 19.38
CA ASP A 309 -23.37 -3.53 19.23
C ASP A 309 -23.86 -2.85 20.50
N PRO A 310 -24.78 -1.88 20.38
CA PRO A 310 -25.21 -1.12 21.55
C PRO A 310 -26.18 -1.93 22.39
N ARG A 311 -25.91 -2.00 23.70
CA ARG A 311 -26.83 -2.62 24.65
C ARG A 311 -28.19 -1.95 24.56
N PRO A 312 -29.26 -2.67 24.93
CA PRO A 312 -30.61 -2.14 24.65
C PRO A 312 -30.91 -0.86 25.41
N ASP A 313 -30.33 -0.70 26.60
CA ASP A 313 -30.64 0.44 27.45
C ASP A 313 -29.98 1.70 26.93
N SER A 314 -28.64 1.70 26.86
CA SER A 314 -27.93 2.87 26.38
C SER A 314 -28.46 3.30 25.02
N GLY A 315 -28.75 4.59 24.87
CA GLY A 315 -29.29 5.11 23.63
C GLY A 315 -28.23 5.37 22.58
N GLU A 316 -27.63 4.28 22.08
CA GLU A 316 -26.56 4.34 21.08
C GLU A 316 -26.97 3.54 19.84
N ARG A 317 -26.52 4.00 18.67
CA ARG A 317 -26.75 3.29 17.42
C ARG A 317 -25.47 2.83 16.73
N GLU A 318 -24.34 3.49 16.99
CA GLU A 318 -23.11 3.14 16.30
C GLU A 318 -22.66 1.72 16.64
N ARG A 319 -22.30 0.97 15.59
CA ARG A 319 -21.78 -0.40 15.67
C ARG A 319 -20.38 -0.45 15.09
N ALA A 320 -19.72 -1.60 15.27
CA ALA A 320 -18.40 -1.82 14.70
C ALA A 320 -18.12 -3.31 14.72
N TRP A 321 -17.59 -3.83 13.61
CA TRP A 321 -17.15 -5.21 13.60
C TRP A 321 -15.83 -5.33 12.85
N PHE A 322 -15.29 -6.53 12.87
CA PHE A 322 -14.00 -6.80 12.30
C PHE A 322 -13.94 -8.29 11.99
N GLY A 323 -13.23 -8.64 10.93
CA GLY A 323 -13.19 -10.03 10.56
C GLY A 323 -12.09 -10.34 9.58
N LEU A 324 -11.63 -11.61 9.59
CA LEU A 324 -10.51 -12.02 8.75
C LEU A 324 -10.66 -13.49 8.34
N ALA A 325 -10.56 -13.76 7.02
CA ALA A 325 -10.47 -15.12 6.50
C ALA A 325 -9.25 -15.22 5.61
N HIS A 326 -8.73 -16.44 5.44
CA HIS A 326 -7.56 -16.63 4.59
C HIS A 326 -7.41 -18.10 4.19
N THR A 327 -7.14 -18.34 2.90
CA THR A 327 -6.57 -19.60 2.46
C THR A 327 -5.14 -19.36 2.01
N GLY A 328 -4.20 -20.14 2.56
CA GLY A 328 -2.80 -20.05 2.19
C GLY A 328 -2.69 -20.43 0.75
N GLY A 329 -1.51 -20.27 0.16
CA GLY A 329 -0.36 -19.77 0.86
C GLY A 329 0.89 -20.60 0.56
N THR A 330 0.70 -21.88 0.31
CA THR A 330 1.87 -22.72 0.31
C THR A 330 2.07 -23.51 -0.98
N LEU A 331 1.00 -23.88 -1.69
CA LEU A 331 1.12 -24.41 -3.05
C LEU A 331 0.48 -23.51 -4.09
N ASP A 332 -0.19 -22.47 -3.68
CA ASP A 332 -0.74 -21.50 -4.59
C ASP A 332 -0.77 -20.18 -3.82
N PRO A 333 -1.26 -19.07 -4.40
CA PRO A 333 -1.15 -17.79 -3.70
C PRO A 333 -1.92 -17.76 -2.38
N LEU A 334 -1.37 -17.03 -1.42
CA LEU A 334 -2.13 -16.65 -0.25
C LEU A 334 -3.22 -15.66 -0.63
N VAL A 335 -4.45 -15.92 -0.23
CA VAL A 335 -5.53 -14.94 -0.34
C VAL A 335 -6.14 -14.73 1.03
N ALA A 336 -6.20 -13.47 1.47
CA ALA A 336 -6.77 -13.12 2.76
C ALA A 336 -7.77 -11.98 2.57
N ILE A 337 -8.74 -11.93 3.48
CA ILE A 337 -9.70 -10.83 3.52
C ILE A 337 -9.73 -10.25 4.92
N GLN A 338 -9.36 -8.98 5.05
CA GLN A 338 -9.55 -8.25 6.29
C GLN A 338 -10.72 -7.29 6.09
N VAL A 339 -11.68 -7.33 7.01
CA VAL A 339 -12.79 -6.37 7.03
C VAL A 339 -12.63 -5.50 8.27
N GLN A 340 -13.06 -4.25 8.16
CA GLN A 340 -13.11 -3.36 9.31
C GLN A 340 -14.11 -2.26 9.04
N THR A 341 -14.49 -1.58 10.12
CA THR A 341 -15.62 -0.68 10.13
C THR A 341 -15.17 0.69 10.59
N PHE A 342 -15.77 1.74 10.01
CA PHE A 342 -15.54 3.10 10.46
C PHE A 342 -16.84 3.78 10.89
N GLN A 343 -16.70 4.71 11.83
CA GLN A 343 -17.84 5.27 12.55
C GLN A 343 -18.45 6.47 11.82
N LYS A 344 -19.71 6.75 12.13
CA LYS A 344 -20.39 7.88 11.50
C LYS A 344 -19.72 9.20 11.86
N GLY A 345 -19.51 10.05 10.86
CA GLY A 345 -18.80 11.30 11.07
C GLY A 345 -17.30 11.14 11.17
N THR A 346 -16.78 10.02 10.74
CA THR A 346 -15.35 9.82 10.76
C THR A 346 -14.72 10.42 9.53
N ASP A 347 -15.53 10.99 8.68
CA ASP A 347 -15.04 11.69 7.50
C ASP A 347 -16.26 12.12 6.77
N ASP A 348 -16.46 11.66 5.55
CA ASP A 348 -17.65 12.03 4.83
C ASP A 348 -18.73 11.01 5.13
N LEU A 349 -18.46 10.13 6.08
CA LEU A 349 -19.40 9.09 6.51
C LEU A 349 -20.51 9.71 7.34
N THR A 350 -21.74 9.69 6.82
CA THR A 350 -22.84 10.32 7.55
C THR A 350 -23.87 9.34 8.06
N ASP A 351 -23.60 8.03 7.97
CA ASP A 351 -24.50 7.09 8.59
C ASP A 351 -23.73 6.16 9.53
N TYR A 352 -24.51 5.51 10.39
CA TYR A 352 -23.98 4.52 11.31
C TYR A 352 -23.57 3.28 10.54
N THR A 353 -22.62 2.53 11.11
CA THR A 353 -22.19 1.31 10.48
C THR A 353 -23.36 0.33 10.39
N PRO A 354 -23.65 -0.22 9.22
CA PRO A 354 -24.57 -1.35 9.17
C PRO A 354 -24.00 -2.55 9.89
N PRO A 355 -24.86 -3.38 10.48
CA PRO A 355 -24.38 -4.56 11.21
C PRO A 355 -24.03 -5.68 10.24
N PRO A 356 -23.18 -6.62 10.65
CA PRO A 356 -22.59 -7.53 9.64
C PRO A 356 -23.61 -8.34 8.86
N GLU A 357 -24.78 -8.65 9.42
CA GLU A 357 -25.72 -9.46 8.65
C GLU A 357 -26.17 -8.78 7.37
N GLU A 358 -26.00 -7.46 7.26
CA GLU A 358 -26.37 -6.77 6.04
C GLU A 358 -25.24 -6.74 5.03
N VAL A 359 -24.00 -6.79 5.50
CA VAL A 359 -22.86 -6.73 4.60
C VAL A 359 -22.40 -8.12 4.17
N LEU A 360 -22.42 -9.08 5.09
CA LEU A 360 -21.74 -10.35 4.86
C LEU A 360 -22.20 -11.12 3.63
N PRO A 361 -23.50 -11.23 3.31
CA PRO A 361 -23.87 -11.97 2.08
C PRO A 361 -23.17 -11.45 0.84
N ARG A 362 -23.17 -10.14 0.63
CA ARG A 362 -22.49 -9.60 -0.54
C ARG A 362 -20.98 -9.84 -0.47
N LEU A 363 -20.43 -9.97 0.74
CA LEU A 363 -19.03 -10.33 0.89
C LEU A 363 -18.76 -11.77 0.50
N LYS A 364 -19.59 -12.71 0.98
CA LYS A 364 -19.43 -14.12 0.64
C LYS A 364 -19.61 -14.37 -0.83
N ALA A 365 -20.55 -13.65 -1.43
CA ALA A 365 -20.75 -13.76 -2.87
C ALA A 365 -19.48 -13.44 -3.64
N LEU A 366 -18.93 -12.24 -3.40
CA LEU A 366 -17.62 -11.89 -3.95
C LEU A 366 -16.58 -12.96 -3.60
N SER A 367 -16.60 -13.47 -2.37
CA SER A 367 -15.52 -14.33 -1.92
C SER A 367 -15.48 -15.62 -2.73
N GLN A 368 -16.64 -16.24 -2.94
CA GLN A 368 -16.69 -17.52 -3.64
C GLN A 368 -16.26 -17.39 -5.10
N SER A 369 -16.41 -16.20 -5.68
CA SER A 369 -16.11 -16.01 -7.08
C SER A 369 -14.63 -15.91 -7.35
N ILE A 370 -13.79 -15.89 -6.32
CA ILE A 370 -12.36 -15.68 -6.53
C ILE A 370 -11.77 -16.87 -7.26
N GLU A 371 -10.88 -16.59 -8.21
CA GLU A 371 -10.15 -17.61 -8.95
C GLU A 371 -8.95 -16.94 -9.57
N GLN A 372 -7.93 -17.73 -9.84
CA GLN A 372 -6.75 -17.20 -10.51
C GLN A 372 -7.10 -16.93 -12.00
N ARG A 373 -6.10 -16.60 -12.82
CA ARG A 373 -6.40 -16.06 -14.15
C ARG A 373 -5.64 -16.74 -15.30
#